data_5VW7
#
_entry.id   5VW7
#
_cell.length_a   59.188
_cell.length_b   59.188
_cell.length_c   188.032
_cell.angle_alpha   90.00
_cell.angle_beta   90.00
_cell.angle_gamma   120.00
#
_symmetry.space_group_name_H-M   'P 32 2 1'
#
loop_
_entity.id
_entity.type
_entity.pdbx_description
1 polymer 'Ferredoxin--NADP reductase'
2 non-polymer 'MAGNESIUM ION'
3 non-polymer 'ACETATE ION'
4 non-polymer 'NADP NICOTINAMIDE-ADENINE-DINUCLEOTIDE PHOSPHATE'
5 non-polymer 'DIHYDROFLAVINE-ADENINE DINUCLEOTIDE'
6 water water
#
_entity_poly.entity_id   1
_entity_poly.type   'polypeptide(L)'
_entity_poly.pdbx_seq_one_letter_code
;SVQQASRSKVSVAPLHLESAKEPPLNTYKPKEPFTATIVSVESLVGPKAPGETCHIVIDHGGNVPYWEGQSYGVIPPGEN
PKKPGAPQNVRLYSIASTRYGDNFDGRTGSLCVRRAVYYDPETGKEDPSKNGVCSNFLCNSKPGDKIQLTGPSGKIMLLP
EEDPNATHIMIATGTGVAPFRGYLRRMFMEDVPNYRFGGLAWLFLGVANSDSLLYDEEFTSYLKQYPDNFRYDKALSREQ
KNRSGGKMYVQDKIEEYSDEIFKLLDGGAHIYFCGLKGMMPGIQDTLKKVAERRGESWDQKLAQLKKNKQWHVEVA
;
_entity_poly.pdbx_strand_id   A
#
# COMPACT_ATOMS: atom_id res chain seq x y z
N SER A 8 -11.85 -21.63 -6.41
CA SER A 8 -12.43 -20.50 -7.12
C SER A 8 -12.50 -19.27 -6.21
N LYS A 9 -13.23 -18.26 -6.66
CA LYS A 9 -13.22 -17.00 -5.92
C LYS A 9 -14.11 -17.10 -4.69
N VAL A 10 -13.75 -16.32 -3.68
CA VAL A 10 -14.37 -16.35 -2.35
C VAL A 10 -15.65 -15.52 -2.34
N SER A 11 -16.74 -16.12 -1.86
CA SER A 11 -17.98 -15.37 -1.72
CA SER A 11 -17.99 -15.37 -1.72
C SER A 11 -17.81 -14.21 -0.74
N VAL A 12 -18.36 -13.05 -1.11
CA VAL A 12 -18.30 -11.85 -0.28
C VAL A 12 -19.72 -11.32 -0.12
N ALA A 13 -19.93 -10.59 0.98
CA ALA A 13 -21.23 -9.97 1.28
C ALA A 13 -20.98 -8.73 2.12
N PRO A 14 -21.88 -7.73 2.05
CA PRO A 14 -23.10 -7.70 1.23
C PRO A 14 -22.89 -7.03 -0.12
N LEU A 15 -23.62 -7.53 -1.13
CA LEU A 15 -23.48 -7.01 -2.48
C LEU A 15 -23.84 -5.53 -2.59
N HIS A 16 -24.60 -4.98 -1.64
CA HIS A 16 -24.95 -3.55 -1.72
C HIS A 16 -23.76 -2.64 -1.52
N LEU A 17 -22.60 -3.18 -1.13
CA LEU A 17 -21.39 -2.34 -1.12
C LEU A 17 -20.97 -1.95 -2.54
N GLU A 18 -21.49 -2.59 -3.58
CA GLU A 18 -21.18 -2.19 -4.94
C GLU A 18 -22.11 -1.11 -5.49
N SER A 19 -23.12 -0.69 -4.73
CA SER A 19 -24.18 0.14 -5.29
C SER A 19 -23.82 1.62 -5.36
N ALA A 20 -23.03 2.11 -4.41
CA ALA A 20 -22.66 3.53 -4.40
C ALA A 20 -21.88 3.91 -5.64
N LYS A 21 -22.19 5.08 -6.21
CA LYS A 21 -21.47 5.55 -7.38
C LYS A 21 -20.30 6.46 -7.04
N GLU A 22 -20.19 6.91 -5.80
CA GLU A 22 -19.11 7.75 -5.32
C GLU A 22 -18.52 7.14 -4.06
N PRO A 23 -17.23 7.33 -3.81
CA PRO A 23 -16.64 6.79 -2.59
C PRO A 23 -17.11 7.55 -1.37
N PRO A 24 -17.23 6.88 -0.23
CA PRO A 24 -17.48 7.62 1.01
C PRO A 24 -16.30 8.51 1.34
N LEU A 25 -16.58 9.69 1.89
CA LEU A 25 -15.55 10.64 2.31
C LEU A 25 -15.97 11.35 3.59
N ASN A 26 -15.10 11.33 4.61
CA ASN A 26 -15.31 12.09 5.84
C ASN A 26 -16.63 11.73 6.54
N THR A 27 -16.98 10.45 6.49
CA THR A 27 -18.15 9.96 7.19
C THR A 27 -18.07 10.27 8.67
N TYR A 28 -16.91 10.07 9.26
CA TYR A 28 -16.63 10.43 10.65
C TYR A 28 -15.52 11.45 10.68
N LYS A 29 -15.68 12.46 11.54
CA LYS A 29 -14.75 13.58 11.65
C LYS A 29 -14.07 13.58 13.01
N PRO A 30 -12.93 14.27 13.14
CA PRO A 30 -12.13 14.17 14.38
C PRO A 30 -12.86 14.52 15.66
N LYS A 31 -13.80 15.45 15.65
CA LYS A 31 -14.45 15.79 16.90
C LYS A 31 -15.46 14.76 17.36
N GLU A 32 -15.89 13.85 16.49
CA GLU A 32 -16.82 12.78 16.85
C GLU A 32 -16.45 11.52 16.06
N PRO A 33 -15.32 10.90 16.40
CA PRO A 33 -14.90 9.72 15.65
C PRO A 33 -15.83 8.54 15.91
N PHE A 34 -15.65 7.52 15.09
CA PHE A 34 -16.30 6.24 15.31
C PHE A 34 -15.44 5.39 16.22
N THR A 35 -16.03 4.87 17.31
CA THR A 35 -15.28 3.99 18.22
C THR A 35 -15.35 2.55 17.71
N ALA A 36 -14.33 2.16 16.95
CA ALA A 36 -14.19 0.81 16.42
C ALA A 36 -13.47 -0.08 17.44
N THR A 37 -13.43 -1.38 17.14
CA THR A 37 -12.88 -2.37 18.08
C THR A 37 -11.88 -3.28 17.38
N ILE A 38 -10.71 -3.48 18.01
CA ILE A 38 -9.67 -4.35 17.46
C ILE A 38 -10.14 -5.81 17.47
N VAL A 39 -9.99 -6.48 16.33
CA VAL A 39 -10.22 -7.92 16.22
C VAL A 39 -8.93 -8.70 16.46
N SER A 40 -7.84 -8.27 15.82
CA SER A 40 -6.58 -8.98 15.91
C SER A 40 -5.44 -8.07 15.50
N VAL A 41 -4.26 -8.36 16.06
CA VAL A 41 -2.99 -7.75 15.68
C VAL A 41 -1.96 -8.85 15.59
N GLU A 42 -1.21 -8.89 14.48
CA GLU A 42 -0.17 -9.89 14.30
CA GLU A 42 -0.18 -9.89 14.27
C GLU A 42 1.02 -9.27 13.58
N SER A 43 2.20 -9.76 13.92
CA SER A 43 3.39 -9.34 13.18
C SER A 43 3.39 -9.99 11.82
N LEU A 44 3.85 -9.22 10.82
CA LEU A 44 3.95 -9.70 9.44
C LEU A 44 5.34 -10.17 9.09
N VAL A 45 6.32 -10.01 9.99
CA VAL A 45 7.73 -10.11 9.61
C VAL A 45 8.48 -11.05 10.55
N GLY A 46 9.62 -11.53 10.07
CA GLY A 46 10.49 -12.41 10.81
C GLY A 46 11.57 -11.70 11.60
N PRO A 47 12.42 -12.49 12.29
CA PRO A 47 13.35 -11.91 13.26
C PRO A 47 14.46 -11.08 12.66
N LYS A 48 14.80 -11.26 11.39
CA LYS A 48 15.85 -10.45 10.76
C LYS A 48 15.34 -9.13 10.17
N ALA A 49 14.03 -8.88 10.20
CA ALA A 49 13.53 -7.60 9.69
C ALA A 49 14.08 -6.47 10.57
N PRO A 50 14.54 -5.36 9.96
CA PRO A 50 15.05 -4.24 10.77
C PRO A 50 14.00 -3.56 11.65
N GLY A 51 12.72 -3.66 11.31
CA GLY A 51 11.69 -3.14 12.19
C GLY A 51 10.47 -4.04 12.14
N GLU A 52 9.56 -3.81 13.08
CA GLU A 52 8.32 -4.59 13.14
CA GLU A 52 8.32 -4.55 13.18
C GLU A 52 7.25 -3.89 12.33
N THR A 53 6.56 -4.69 11.50
CA THR A 53 5.38 -4.25 10.76
C THR A 53 4.26 -5.19 11.16
N CYS A 54 3.09 -4.66 11.50
CA CYS A 54 1.98 -5.46 11.98
CA CYS A 54 1.97 -5.47 11.97
C CYS A 54 0.76 -5.27 11.09
N HIS A 55 -0.10 -6.28 11.13
CA HIS A 55 -1.37 -6.33 10.42
C HIS A 55 -2.47 -6.24 11.47
N ILE A 56 -3.31 -5.22 11.36
CA ILE A 56 -4.34 -4.94 12.34
C ILE A 56 -5.71 -5.06 11.67
N VAL A 57 -6.58 -5.91 12.24
CA VAL A 57 -7.96 -6.06 11.78
C VAL A 57 -8.88 -5.31 12.74
N ILE A 58 -9.68 -4.38 12.19
CA ILE A 58 -10.53 -3.47 12.94
C ILE A 58 -12.00 -3.71 12.58
N ASP A 59 -12.85 -3.93 13.58
CA ASP A 59 -14.30 -4.09 13.39
C ASP A 59 -14.95 -2.70 13.39
N HIS A 60 -15.42 -2.26 12.21
CA HIS A 60 -16.19 -1.03 12.10
C HIS A 60 -17.69 -1.30 12.01
N GLY A 61 -18.09 -2.58 11.96
CA GLY A 61 -19.50 -2.94 12.02
C GLY A 61 -20.34 -2.57 10.82
N GLY A 62 -19.71 -2.17 9.72
CA GLY A 62 -20.44 -1.63 8.58
C GLY A 62 -20.68 -0.14 8.64
N ASN A 63 -20.24 0.50 9.72
CA ASN A 63 -20.48 1.92 9.91
C ASN A 63 -19.50 2.82 9.19
N VAL A 64 -18.32 2.31 8.80
CA VAL A 64 -17.32 3.14 8.14
C VAL A 64 -16.86 2.43 6.87
N PRO A 65 -17.75 2.23 5.92
CA PRO A 65 -17.36 1.62 4.64
C PRO A 65 -16.42 2.53 3.86
N TYR A 66 -15.72 1.92 2.91
CA TYR A 66 -14.68 2.57 2.13
C TYR A 66 -14.55 1.86 0.79
N TRP A 67 -13.80 2.47 -0.12
CA TRP A 67 -13.36 1.84 -1.36
C TRP A 67 -11.87 1.53 -1.28
N GLU A 68 -11.45 0.56 -2.10
CA GLU A 68 -10.03 0.24 -2.16
C GLU A 68 -9.20 1.47 -2.54
N GLY A 69 -8.04 1.63 -1.89
CA GLY A 69 -7.17 2.76 -2.12
C GLY A 69 -7.36 3.93 -1.17
N GLN A 70 -8.42 3.90 -0.35
CA GLN A 70 -8.64 4.97 0.61
C GLN A 70 -7.88 4.73 1.91
N SER A 71 -7.90 5.75 2.77
CA SER A 71 -7.24 5.74 4.06
C SER A 71 -8.27 5.86 5.18
N TYR A 72 -7.94 5.29 6.33
CA TYR A 72 -8.60 5.61 7.57
C TYR A 72 -7.73 6.56 8.37
N GLY A 73 -8.37 7.43 9.15
CA GLY A 73 -7.67 8.21 10.15
C GLY A 73 -7.81 7.50 11.49
N VAL A 74 -6.75 7.55 12.28
CA VAL A 74 -6.76 7.06 13.66
C VAL A 74 -6.31 8.19 14.56
N ILE A 75 -7.07 8.46 15.61
CA ILE A 75 -6.69 9.43 16.63
C ILE A 75 -6.16 8.63 17.84
N PRO A 76 -4.86 8.61 18.09
CA PRO A 76 -4.37 7.85 19.24
C PRO A 76 -4.78 8.55 20.52
N PRO A 77 -4.84 7.82 21.63
CA PRO A 77 -5.21 8.45 22.89
C PRO A 77 -4.15 9.41 23.37
N GLY A 78 -4.58 10.29 24.26
CA GLY A 78 -3.69 11.24 24.91
C GLY A 78 -3.93 12.67 24.46
N GLU A 79 -2.97 13.50 24.81
CA GLU A 79 -3.05 14.94 24.62
C GLU A 79 -2.10 15.37 23.52
N ASN A 80 -2.55 16.32 22.70
CA ASN A 80 -1.67 16.94 21.74
C ASN A 80 -0.54 17.63 22.47
N PRO A 81 0.73 17.20 22.31
CA PRO A 81 1.81 17.87 23.04
C PRO A 81 1.98 19.33 22.69
N LYS A 82 1.65 19.72 21.46
CA LYS A 82 1.78 21.11 21.03
C LYS A 82 0.51 21.92 21.29
N LYS A 83 -0.39 21.42 22.13
CA LYS A 83 -1.70 22.02 22.30
C LYS A 83 -2.38 21.40 23.52
N PRO A 84 -2.04 21.85 24.73
CA PRO A 84 -2.63 21.22 25.92
C PRO A 84 -4.15 21.26 25.86
N GLY A 85 -4.76 20.24 26.46
CA GLY A 85 -6.20 20.08 26.41
C GLY A 85 -6.75 19.54 25.10
N ALA A 86 -5.95 19.56 24.01
CA ALA A 86 -6.48 19.10 22.75
C ALA A 86 -6.22 17.60 22.56
N PRO A 87 -7.08 16.92 21.80
CA PRO A 87 -6.77 15.56 21.40
C PRO A 87 -5.57 15.50 20.46
N GLN A 88 -5.03 14.30 20.31
CA GLN A 88 -3.96 14.10 19.36
C GLN A 88 -4.46 14.32 17.93
N ASN A 89 -3.53 14.67 17.07
CA ASN A 89 -3.81 14.78 15.64
C ASN A 89 -4.09 13.41 15.03
N VAL A 90 -4.95 13.42 14.00
CA VAL A 90 -5.17 12.23 13.16
C VAL A 90 -3.87 11.80 12.50
N ARG A 91 -3.64 10.50 12.48
CA ARG A 91 -2.67 9.87 11.59
C ARG A 91 -3.41 9.04 10.55
N LEU A 92 -2.99 9.14 9.30
CA LEU A 92 -3.65 8.38 8.23
C LEU A 92 -2.95 7.06 7.96
N TYR A 93 -3.74 6.04 7.63
CA TYR A 93 -3.24 4.71 7.28
C TYR A 93 -3.98 4.21 6.05
N SER A 94 -3.23 3.77 5.04
CA SER A 94 -3.84 3.23 3.84
C SER A 94 -4.48 1.89 4.13
N ILE A 95 -5.75 1.75 3.76
CA ILE A 95 -6.45 0.52 4.08
C ILE A 95 -5.91 -0.62 3.21
N ALA A 96 -5.57 -1.72 3.86
CA ALA A 96 -4.89 -2.86 3.24
C ALA A 96 -5.86 -3.98 2.89
N SER A 97 -7.13 -3.78 3.12
CA SER A 97 -8.21 -4.71 2.86
C SER A 97 -9.09 -4.19 1.72
N THR A 98 -9.84 -5.11 1.13
CA THR A 98 -10.92 -4.72 0.24
C THR A 98 -12.08 -4.16 1.05
N ARG A 99 -13.06 -3.61 0.34
CA ARG A 99 -14.25 -3.08 0.99
C ARG A 99 -14.98 -4.15 1.79
N TYR A 100 -14.81 -5.43 1.46
CA TYR A 100 -15.46 -6.49 2.22
C TYR A 100 -14.65 -6.90 3.44
N GLY A 101 -13.35 -6.62 3.43
CA GLY A 101 -12.50 -6.92 4.57
C GLY A 101 -12.05 -8.37 4.61
N ASP A 102 -11.15 -8.65 5.57
CA ASP A 102 -10.50 -9.95 5.65
C ASP A 102 -11.46 -11.08 6.05
N ASN A 103 -12.63 -10.75 6.58
CA ASN A 103 -13.63 -11.75 6.88
CA ASN A 103 -13.71 -11.67 6.95
C ASN A 103 -14.79 -11.76 5.88
N PHE A 104 -14.65 -11.03 4.77
CA PHE A 104 -15.52 -11.14 3.60
C PHE A 104 -16.97 -10.77 3.91
N ASP A 105 -17.17 -9.87 4.89
CA ASP A 105 -18.50 -9.59 5.42
C ASP A 105 -18.83 -8.10 5.53
N GLY A 106 -17.96 -7.22 5.05
CA GLY A 106 -18.25 -5.79 5.09
C GLY A 106 -18.19 -5.18 6.47
N ARG A 107 -17.66 -5.90 7.47
CA ARG A 107 -17.63 -5.40 8.84
C ARG A 107 -16.24 -5.03 9.35
N THR A 108 -15.16 -5.40 8.65
CA THR A 108 -13.84 -5.10 9.14
C THR A 108 -12.99 -4.47 8.06
N GLY A 109 -12.00 -3.69 8.50
CA GLY A 109 -10.95 -3.20 7.65
C GLY A 109 -9.61 -3.49 8.30
N SER A 110 -8.56 -3.50 7.48
CA SER A 110 -7.23 -3.85 7.98
C SER A 110 -6.21 -2.78 7.64
N LEU A 111 -5.23 -2.63 8.53
CA LEU A 111 -4.11 -1.71 8.35
C LEU A 111 -2.80 -2.49 8.39
N CYS A 112 -1.80 -1.95 7.69
CA CYS A 112 -0.44 -2.50 7.57
C CYS A 112 0.47 -1.42 8.12
N VAL A 113 0.98 -1.60 9.34
CA VAL A 113 1.54 -0.50 10.12
C VAL A 113 2.99 -0.81 10.51
N ARG A 114 3.93 0.06 10.10
CA ARG A 114 5.31 -0.02 10.54
CA ARG A 114 5.32 -0.03 10.54
C ARG A 114 5.46 0.69 11.88
N ARG A 115 6.04 0.00 12.87
CA ARG A 115 6.37 0.64 14.14
C ARG A 115 7.48 1.67 13.94
N ALA A 116 7.20 2.93 14.25
CA ALA A 116 8.21 3.97 14.18
C ALA A 116 8.99 3.96 15.50
N VAL A 117 10.28 3.59 15.45
CA VAL A 117 11.13 3.45 16.63
C VAL A 117 12.35 4.36 16.48
N TYR A 118 12.71 5.07 17.56
CA TYR A 118 13.83 6.01 17.55
C TYR A 118 15.10 5.35 18.06
N TYR A 119 16.21 5.57 17.34
CA TYR A 119 17.54 5.18 17.79
C TYR A 119 18.47 6.37 17.69
N ASP A 120 19.24 6.61 18.75
CA ASP A 120 20.20 7.69 18.67
C ASP A 120 21.14 7.42 17.49
N PRO A 121 21.36 8.39 16.60
CA PRO A 121 22.17 8.12 15.41
C PRO A 121 23.64 7.81 15.67
N GLU A 122 24.18 8.10 16.86
CA GLU A 122 25.57 7.79 17.14
C GLU A 122 25.76 6.53 17.98
N THR A 123 24.97 6.36 19.04
CA THR A 123 25.13 5.24 19.94
C THR A 123 24.21 4.07 19.62
N GLY A 124 23.17 4.29 18.84
CA GLY A 124 22.13 3.30 18.61
C GLY A 124 21.16 3.12 19.74
N LYS A 125 21.31 3.90 20.82
CA LYS A 125 20.48 3.77 22.01
C LYS A 125 19.02 4.10 21.70
N GLU A 126 18.12 3.18 22.07
CA GLU A 126 16.70 3.41 21.90
CA GLU A 126 16.72 3.46 21.86
C GLU A 126 16.22 4.47 22.88
N ASP A 127 15.13 5.14 22.52
CA ASP A 127 14.50 6.12 23.41
C ASP A 127 13.00 6.03 23.19
N PRO A 128 12.30 5.24 24.00
CA PRO A 128 10.86 5.04 23.76
C PRO A 128 10.07 6.33 23.73
N SER A 129 10.53 7.39 24.40
CA SER A 129 9.77 8.64 24.41
C SER A 129 9.78 9.33 23.06
N LYS A 130 10.67 8.93 22.17
CA LYS A 130 10.72 9.48 20.82
C LYS A 130 10.18 8.51 19.77
N ASN A 131 9.60 7.41 20.21
CA ASN A 131 8.95 6.50 19.28
C ASN A 131 7.67 7.13 18.72
N GLY A 132 7.19 6.62 17.59
CA GLY A 132 5.97 7.18 17.00
C GLY A 132 4.77 6.78 17.85
N VAL A 133 3.88 7.74 18.12
CA VAL A 133 2.77 7.48 19.05
C VAL A 133 1.76 6.51 18.45
N CYS A 134 1.21 6.86 17.28
CA CYS A 134 0.08 6.10 16.76
C CYS A 134 0.50 4.72 16.25
N SER A 135 1.67 4.63 15.62
CA SER A 135 2.06 3.34 15.06
C SER A 135 2.31 2.31 16.17
N ASN A 136 2.95 2.72 17.27
CA ASN A 136 3.15 1.81 18.39
C ASN A 136 1.87 1.55 19.15
N PHE A 137 0.99 2.56 19.27
CA PHE A 137 -0.33 2.33 19.84
C PHE A 137 -1.06 1.23 19.10
N LEU A 138 -1.06 1.31 17.77
CA LEU A 138 -1.72 0.30 16.95
C LEU A 138 -1.07 -1.07 17.10
N CYS A 139 0.25 -1.17 16.94
N CYS A 139 0.26 -1.15 16.93
CA CYS A 139 0.83 -2.52 17.00
CA CYS A 139 0.94 -2.44 17.01
C CYS A 139 0.90 -3.09 18.40
C CYS A 139 0.78 -3.08 18.38
N ASN A 140 0.71 -2.26 19.44
CA ASN A 140 0.56 -2.71 20.83
C ASN A 140 -0.88 -3.10 21.18
N SER A 141 -1.84 -2.90 20.27
CA SER A 141 -3.25 -3.17 20.56
C SER A 141 -3.54 -4.67 20.68
N LYS A 142 -4.63 -4.98 21.37
CA LYS A 142 -5.07 -6.34 21.64
C LYS A 142 -6.54 -6.47 21.30
N PRO A 143 -7.01 -7.69 21.02
CA PRO A 143 -8.44 -7.89 20.77
C PRO A 143 -9.29 -7.24 21.84
N GLY A 144 -10.33 -6.53 21.39
CA GLY A 144 -11.23 -5.85 22.30
C GLY A 144 -10.89 -4.41 22.61
N ASP A 145 -9.68 -3.97 22.32
CA ASP A 145 -9.32 -2.57 22.51
C ASP A 145 -10.11 -1.69 21.55
N LYS A 146 -10.35 -0.45 21.95
CA LYS A 146 -11.09 0.51 21.13
C LYS A 146 -10.13 1.42 20.34
N ILE A 147 -10.56 1.78 19.13
CA ILE A 147 -9.79 2.63 18.21
C ILE A 147 -10.72 3.74 17.74
N GLN A 148 -10.27 4.99 17.83
CA GLN A 148 -11.02 6.15 17.33
C GLN A 148 -10.71 6.33 15.85
N LEU A 149 -11.70 6.06 15.01
CA LEU A 149 -11.57 6.07 13.56
CA LEU A 149 -11.57 6.06 13.56
C LEU A 149 -12.22 7.29 12.95
N THR A 150 -11.55 7.88 11.96
CA THR A 150 -12.10 8.97 11.17
C THR A 150 -11.98 8.62 9.68
N GLY A 151 -12.70 9.38 8.88
CA GLY A 151 -12.64 9.20 7.44
C GLY A 151 -13.84 8.41 6.93
N PRO A 152 -13.64 7.62 5.89
CA PRO A 152 -12.39 7.44 5.16
C PRO A 152 -12.04 8.69 4.38
N SER A 153 -10.84 8.71 3.85
CA SER A 153 -10.44 9.84 3.04
C SER A 153 -9.55 9.36 1.92
N GLY A 154 -9.40 10.26 0.94
CA GLY A 154 -8.55 10.02 -0.18
C GLY A 154 -9.25 9.55 -1.44
N LYS A 155 -8.84 10.13 -2.58
CA LYS A 155 -9.28 9.65 -3.90
C LYS A 155 -8.16 9.37 -4.87
N ILE A 156 -6.90 9.75 -4.56
CA ILE A 156 -5.82 9.62 -5.54
C ILE A 156 -5.60 8.17 -5.94
N MET A 157 -5.75 7.25 -4.98
CA MET A 157 -5.45 5.83 -5.20
C MET A 157 -6.70 4.97 -5.40
N LEU A 158 -7.84 5.57 -5.74
CA LEU A 158 -8.97 4.74 -6.16
C LEU A 158 -8.60 3.95 -7.41
N LEU A 159 -9.12 2.72 -7.51
CA LEU A 159 -8.84 1.86 -8.65
C LEU A 159 -9.73 2.23 -9.83
N PRO A 160 -9.18 2.63 -10.98
CA PRO A 160 -10.01 2.88 -12.16
C PRO A 160 -10.59 1.58 -12.69
N GLU A 161 -11.92 1.40 -12.61
CA GLU A 161 -12.55 0.14 -13.00
C GLU A 161 -13.34 0.23 -14.29
N GLU A 162 -13.39 1.40 -14.93
CA GLU A 162 -14.17 1.52 -16.18
C GLU A 162 -13.77 0.48 -17.22
N ASP A 163 -12.48 0.18 -17.33
CA ASP A 163 -11.97 -0.85 -18.24
C ASP A 163 -11.53 -2.05 -17.41
N PRO A 164 -12.30 -3.14 -17.35
CA PRO A 164 -11.90 -4.28 -16.52
C PRO A 164 -10.73 -5.07 -17.09
N ASN A 165 -10.24 -4.68 -18.27
CA ASN A 165 -9.08 -5.29 -18.89
C ASN A 165 -7.90 -4.31 -18.96
N ALA A 166 -7.94 -3.27 -18.14
CA ALA A 166 -6.84 -2.33 -18.00
C ALA A 166 -5.59 -3.03 -17.45
N THR A 167 -4.45 -2.37 -17.63
CA THR A 167 -3.21 -2.80 -17.00
C THR A 167 -2.85 -1.86 -15.85
N HIS A 168 -2.42 -2.45 -14.72
CA HIS A 168 -2.14 -1.73 -13.49
C HIS A 168 -0.75 -2.16 -12.98
N ILE A 169 0.20 -1.23 -13.03
CA ILE A 169 1.57 -1.44 -12.59
C ILE A 169 1.70 -0.79 -11.23
N MET A 170 1.98 -1.60 -10.20
N MET A 170 1.94 -1.60 -10.19
CA MET A 170 1.90 -1.17 -8.80
CA MET A 170 1.91 -1.13 -8.81
C MET A 170 3.29 -1.19 -8.18
C MET A 170 3.31 -1.18 -8.23
N ILE A 171 3.80 -0.03 -7.77
CA ILE A 171 5.16 0.12 -7.24
C ILE A 171 5.08 0.47 -5.76
N ALA A 172 5.57 -0.43 -4.89
CA ALA A 172 5.44 -0.27 -3.43
C ALA A 172 6.79 -0.38 -2.73
N THR A 173 7.00 0.48 -1.71
CA THR A 173 8.07 0.26 -0.74
C THR A 173 7.46 0.05 0.65
N GLY A 174 7.88 -1.03 1.31
CA GLY A 174 7.43 -1.30 2.68
C GLY A 174 5.92 -1.35 2.78
N THR A 175 5.37 -0.68 3.80
CA THR A 175 3.93 -0.65 4.03
C THR A 175 3.16 0.07 2.93
N GLY A 176 3.86 0.72 1.99
CA GLY A 176 3.21 1.21 0.78
C GLY A 176 2.49 0.12 0.00
N VAL A 177 2.74 -1.16 0.30
CA VAL A 177 2.03 -2.25 -0.35
C VAL A 177 0.54 -2.24 0.00
N ALA A 178 0.15 -1.57 1.08
CA ALA A 178 -1.21 -1.66 1.63
C ALA A 178 -2.34 -1.54 0.59
N PRO A 179 -2.45 -0.45 -0.17
CA PRO A 179 -3.56 -0.37 -1.14
C PRO A 179 -3.55 -1.50 -2.13
N PHE A 180 -2.36 -1.97 -2.51
CA PHE A 180 -2.27 -3.01 -3.55
C PHE A 180 -2.74 -4.36 -3.03
N ARG A 181 -2.62 -4.64 -1.73
CA ARG A 181 -3.25 -5.86 -1.21
C ARG A 181 -4.75 -5.82 -1.46
N GLY A 182 -5.36 -4.66 -1.24
CA GLY A 182 -6.78 -4.49 -1.51
C GLY A 182 -7.11 -4.60 -2.99
N TYR A 183 -6.37 -3.89 -3.84
CA TYR A 183 -6.58 -4.02 -5.29
C TYR A 183 -6.58 -5.47 -5.72
N LEU A 184 -5.54 -6.20 -5.30
CA LEU A 184 -5.30 -7.54 -5.83
C LEU A 184 -6.31 -8.54 -5.29
N ARG A 185 -6.75 -8.40 -4.04
CA ARG A 185 -7.84 -9.25 -3.58
C ARG A 185 -9.13 -9.03 -4.39
N ARG A 186 -9.42 -7.77 -4.74
CA ARG A 186 -10.61 -7.50 -5.54
C ARG A 186 -10.45 -8.03 -6.96
N MET A 187 -9.23 -7.92 -7.52
CA MET A 187 -9.00 -8.41 -8.87
C MET A 187 -9.06 -9.92 -8.96
N PHE A 188 -8.54 -10.63 -7.94
CA PHE A 188 -8.29 -12.07 -8.05
C PHE A 188 -8.98 -12.95 -7.02
N MET A 189 -9.11 -12.49 -5.76
CA MET A 189 -9.54 -13.40 -4.69
C MET A 189 -11.05 -13.44 -4.51
N GLU A 190 -11.72 -12.30 -4.59
CA GLU A 190 -13.12 -12.19 -4.21
C GLU A 190 -14.07 -12.38 -5.39
N ASP A 191 -15.23 -12.97 -5.13
CA ASP A 191 -16.24 -13.17 -6.18
C ASP A 191 -17.08 -11.90 -6.32
N VAL A 192 -16.62 -10.97 -7.15
CA VAL A 192 -17.32 -9.70 -7.36
C VAL A 192 -17.93 -9.70 -8.76
N PRO A 193 -19.21 -10.00 -8.91
CA PRO A 193 -19.76 -10.15 -10.27
C PRO A 193 -19.64 -8.92 -11.12
N ASN A 194 -19.67 -7.74 -10.54
CA ASN A 194 -19.65 -6.55 -11.38
C ASN A 194 -18.23 -6.02 -11.62
N TYR A 195 -17.19 -6.75 -11.20
CA TYR A 195 -15.82 -6.40 -11.60
C TYR A 195 -15.06 -7.69 -11.86
N ARG A 196 -14.96 -8.08 -13.14
CA ARG A 196 -14.27 -9.29 -13.57
C ARG A 196 -13.00 -8.84 -14.28
N PHE A 197 -11.88 -8.90 -13.56
CA PHE A 197 -10.64 -8.35 -14.08
C PHE A 197 -10.00 -9.32 -15.05
N GLY A 198 -9.68 -8.82 -16.26
CA GLY A 198 -9.03 -9.62 -17.28
C GLY A 198 -7.80 -8.98 -17.88
N GLY A 199 -7.25 -7.95 -17.22
CA GLY A 199 -6.06 -7.28 -17.67
C GLY A 199 -4.80 -7.87 -17.06
N LEU A 200 -3.79 -7.03 -16.91
CA LEU A 200 -2.53 -7.40 -16.29
C LEU A 200 -2.33 -6.52 -15.07
N ALA A 201 -2.09 -7.16 -13.93
CA ALA A 201 -1.67 -6.49 -12.70
C ALA A 201 -0.24 -6.91 -12.41
N TRP A 202 0.64 -5.94 -12.19
CA TRP A 202 2.06 -6.20 -12.02
C TRP A 202 2.53 -5.49 -10.77
N LEU A 203 2.89 -6.27 -9.73
CA LEU A 203 3.33 -5.71 -8.44
C LEU A 203 4.85 -5.76 -8.34
N PHE A 204 5.45 -4.59 -8.04
CA PHE A 204 6.85 -4.44 -7.67
C PHE A 204 6.91 -4.04 -6.20
N LEU A 205 7.65 -4.82 -5.39
CA LEU A 205 7.69 -4.57 -3.95
C LEU A 205 9.14 -4.51 -3.48
N GLY A 206 9.49 -3.42 -2.81
CA GLY A 206 10.81 -3.27 -2.22
C GLY A 206 10.72 -3.34 -0.70
N VAL A 207 11.53 -4.24 -0.13
CA VAL A 207 11.66 -4.40 1.32
C VAL A 207 13.12 -4.75 1.63
N ALA A 208 13.47 -4.65 2.91
CA ALA A 208 14.86 -4.77 3.33
C ALA A 208 15.44 -6.15 3.03
N ASN A 209 14.71 -7.20 3.37
CA ASN A 209 15.23 -8.55 3.23
C ASN A 209 14.04 -9.52 3.22
N SER A 210 14.36 -10.81 3.07
CA SER A 210 13.29 -11.81 2.96
CA SER A 210 13.30 -11.81 2.97
C SER A 210 12.38 -11.79 4.19
N ASP A 211 12.96 -11.62 5.38
CA ASP A 211 12.16 -11.57 6.61
C ASP A 211 11.21 -10.37 6.66
N SER A 212 11.46 -9.33 5.86
CA SER A 212 10.68 -8.11 5.84
C SER A 212 9.57 -8.14 4.79
N LEU A 213 9.42 -9.24 4.05
CA LEU A 213 8.35 -9.33 3.06
C LEU A 213 6.99 -9.29 3.74
N LEU A 214 6.04 -8.71 3.02
CA LEU A 214 4.68 -8.46 3.51
C LEU A 214 3.70 -9.15 2.56
N TYR A 215 2.97 -10.12 3.08
CA TYR A 215 1.89 -10.80 2.34
C TYR A 215 2.44 -11.60 1.16
N ASP A 216 3.69 -12.08 1.28
CA ASP A 216 4.34 -12.76 0.16
C ASP A 216 3.63 -14.04 -0.24
N GLU A 217 3.11 -14.80 0.73
CA GLU A 217 2.39 -16.03 0.39
C GLU A 217 1.16 -15.73 -0.46
N GLU A 218 0.43 -14.68 -0.12
CA GLU A 218 -0.75 -14.30 -0.88
C GLU A 218 -0.40 -13.90 -2.30
N PHE A 219 0.64 -13.07 -2.45
CA PHE A 219 1.01 -12.62 -3.80
C PHE A 219 1.57 -13.77 -4.63
N THR A 220 2.39 -14.64 -4.02
CA THR A 220 2.90 -15.78 -4.75
CA THR A 220 2.89 -15.77 -4.77
C THR A 220 1.76 -16.70 -5.20
N SER A 221 0.68 -16.80 -4.40
CA SER A 221 -0.44 -17.63 -4.80
CA SER A 221 -0.43 -17.64 -4.81
C SER A 221 -1.11 -17.10 -6.06
N TYR A 222 -1.16 -15.78 -6.24
CA TYR A 222 -1.73 -15.24 -7.47
C TYR A 222 -0.90 -15.62 -8.71
N LEU A 223 0.42 -15.76 -8.56
CA LEU A 223 1.22 -16.22 -9.69
C LEU A 223 0.78 -17.58 -10.19
N LYS A 224 0.42 -18.47 -9.25
CA LYS A 224 0.00 -19.82 -9.63
C LYS A 224 -1.46 -19.87 -10.05
N GLN A 225 -2.30 -19.00 -9.52
CA GLN A 225 -3.72 -19.00 -9.84
C GLN A 225 -4.05 -18.21 -11.08
N TYR A 226 -3.33 -17.11 -11.33
CA TYR A 226 -3.61 -16.20 -12.45
C TYR A 226 -2.32 -15.89 -13.19
N PRO A 227 -1.64 -16.91 -13.73
CA PRO A 227 -0.32 -16.69 -14.34
C PRO A 227 -0.37 -15.79 -15.56
N ASP A 228 -1.52 -15.67 -16.20
CA ASP A 228 -1.64 -14.84 -17.39
C ASP A 228 -2.09 -13.41 -17.06
N ASN A 229 -2.40 -13.11 -15.80
CA ASN A 229 -2.94 -11.81 -15.42
C ASN A 229 -2.17 -11.12 -14.30
N PHE A 230 -1.14 -11.76 -13.72
CA PHE A 230 -0.44 -11.21 -12.57
C PHE A 230 1.05 -11.49 -12.74
N ARG A 231 1.85 -10.45 -12.48
CA ARG A 231 3.31 -10.56 -12.37
C ARG A 231 3.74 -9.93 -11.06
N TYR A 232 4.89 -10.37 -10.55
CA TYR A 232 5.32 -10.04 -9.19
C TYR A 232 6.84 -10.06 -9.13
N ASP A 233 7.44 -8.90 -8.79
CA ASP A 233 8.89 -8.76 -8.69
C ASP A 233 9.26 -8.05 -7.40
N LYS A 234 10.31 -8.57 -6.75
CA LYS A 234 10.74 -8.06 -5.45
C LYS A 234 12.16 -7.50 -5.52
N ALA A 235 12.39 -6.41 -4.77
CA ALA A 235 13.71 -5.82 -4.60
C ALA A 235 14.06 -5.87 -3.12
N LEU A 236 15.05 -6.70 -2.77
CA LEU A 236 15.43 -6.90 -1.38
C LEU A 236 16.70 -6.09 -1.16
N SER A 237 16.55 -4.90 -0.54
CA SER A 237 17.59 -3.88 -0.63
C SER A 237 18.86 -4.29 0.08
N ARG A 238 18.75 -5.05 1.15
CA ARG A 238 19.91 -5.44 1.94
C ARG A 238 20.37 -6.85 1.61
N GLU A 239 19.70 -7.53 0.67
CA GLU A 239 20.13 -8.84 0.18
C GLU A 239 20.58 -8.81 -1.28
N GLN A 240 20.38 -7.69 -1.99
CA GLN A 240 20.69 -7.60 -3.43
C GLN A 240 21.24 -6.21 -3.74
N LYS A 241 22.07 -6.16 -4.79
CA LYS A 241 22.67 -4.91 -5.24
C LYS A 241 22.29 -4.63 -6.69
N ASN A 242 22.24 -3.35 -7.04
CA ASN A 242 21.81 -2.99 -8.39
C ASN A 242 23.01 -2.93 -9.32
N ARG A 243 22.70 -2.76 -10.61
CA ARG A 243 23.72 -2.68 -11.65
C ARG A 243 24.82 -1.70 -11.28
N SER A 244 24.45 -0.54 -10.72
CA SER A 244 25.44 0.49 -10.42
C SER A 244 26.21 0.26 -9.13
N GLY A 245 25.88 -0.80 -8.36
CA GLY A 245 26.54 -1.07 -7.11
C GLY A 245 25.77 -0.63 -5.87
N GLY A 246 24.67 0.10 -6.05
CA GLY A 246 23.85 0.47 -4.90
C GLY A 246 22.95 -0.67 -4.47
N LYS A 247 22.37 -0.48 -3.28
CA LYS A 247 21.36 -1.41 -2.80
C LYS A 247 20.27 -1.56 -3.85
N MET A 248 19.79 -2.78 -4.04
CA MET A 248 18.73 -3.05 -5.01
CA MET A 248 18.74 -3.03 -5.03
C MET A 248 17.41 -2.48 -4.52
N TYR A 249 16.95 -1.42 -5.16
CA TYR A 249 15.70 -0.75 -4.87
C TYR A 249 14.69 -1.05 -5.98
N VAL A 250 13.44 -0.63 -5.75
CA VAL A 250 12.41 -0.89 -6.75
C VAL A 250 12.74 -0.24 -8.08
N GLN A 251 13.31 0.97 -8.06
CA GLN A 251 13.65 1.61 -9.34
C GLN A 251 14.59 0.74 -10.16
N ASP A 252 15.48 0.00 -9.51
CA ASP A 252 16.36 -0.90 -10.23
C ASP A 252 15.60 -2.08 -10.82
N LYS A 253 14.56 -2.54 -10.14
CA LYS A 253 13.74 -3.61 -10.70
C LYS A 253 12.91 -3.11 -11.89
N ILE A 254 12.38 -1.90 -11.80
CA ILE A 254 11.69 -1.29 -12.94
C ILE A 254 12.62 -1.23 -14.15
N GLU A 255 13.88 -0.86 -13.93
CA GLU A 255 14.82 -0.75 -15.04
C GLU A 255 15.04 -2.10 -15.70
N GLU A 256 15.02 -3.18 -14.91
CA GLU A 256 15.18 -4.52 -15.47
CA GLU A 256 15.19 -4.51 -15.49
C GLU A 256 14.11 -4.81 -16.52
N TYR A 257 12.93 -4.20 -16.39
CA TYR A 257 11.81 -4.43 -17.29
C TYR A 257 11.43 -3.15 -18.04
N SER A 258 12.42 -2.29 -18.31
CA SER A 258 12.11 -0.96 -18.84
CA SER A 258 12.16 -0.97 -18.88
C SER A 258 11.32 -1.03 -20.14
N ASP A 259 11.72 -1.88 -21.09
CA ASP A 259 11.05 -1.90 -22.39
C ASP A 259 9.60 -2.37 -22.25
N GLU A 260 9.36 -3.41 -21.46
CA GLU A 260 7.99 -3.87 -21.26
C GLU A 260 7.14 -2.80 -20.59
N ILE A 261 7.69 -2.16 -19.57
CA ILE A 261 6.94 -1.13 -18.85
C ILE A 261 6.61 0.05 -19.75
N PHE A 262 7.58 0.52 -20.55
CA PHE A 262 7.30 1.66 -21.43
C PHE A 262 6.25 1.30 -22.48
N LYS A 263 6.33 0.08 -23.02
CA LYS A 263 5.31 -0.37 -23.96
CA LYS A 263 5.32 -0.39 -23.96
C LYS A 263 3.94 -0.41 -23.31
N LEU A 264 3.85 -0.91 -22.08
CA LEU A 264 2.57 -0.94 -21.38
C LEU A 264 2.04 0.47 -21.17
N LEU A 265 2.91 1.39 -20.74
CA LEU A 265 2.46 2.77 -20.52
C LEU A 265 1.97 3.39 -21.82
N ASP A 266 2.69 3.13 -22.92
CA ASP A 266 2.27 3.65 -24.21
C ASP A 266 0.92 3.09 -24.63
N GLY A 267 0.60 1.89 -24.18
CA GLY A 267 -0.68 1.27 -24.45
C GLY A 267 -1.81 1.65 -23.52
N GLY A 268 -1.58 2.54 -22.56
CA GLY A 268 -2.62 3.02 -21.66
C GLY A 268 -2.56 2.53 -20.22
N ALA A 269 -1.50 1.84 -19.83
CA ALA A 269 -1.45 1.27 -18.47
C ALA A 269 -1.46 2.36 -17.41
N HIS A 270 -2.09 2.05 -16.29
CA HIS A 270 -2.00 2.86 -15.08
C HIS A 270 -0.77 2.46 -14.29
N ILE A 271 -0.12 3.43 -13.66
CA ILE A 271 1.03 3.14 -12.81
C ILE A 271 0.86 3.88 -11.49
N TYR A 272 1.14 3.17 -10.40
CA TYR A 272 0.86 3.58 -9.03
C TYR A 272 2.14 3.51 -8.22
N PHE A 273 2.32 4.49 -7.32
CA PHE A 273 3.47 4.52 -6.41
C PHE A 273 2.96 4.78 -5.01
N CYS A 274 3.39 3.95 -4.06
CA CYS A 274 2.93 4.09 -2.67
C CYS A 274 4.05 3.65 -1.73
N GLY A 275 4.23 4.42 -0.66
CA GLY A 275 5.27 4.11 0.33
C GLY A 275 6.15 5.31 0.65
N LEU A 276 7.47 5.09 0.67
CA LEU A 276 8.44 6.10 1.08
C LEU A 276 8.48 7.27 0.10
N LYS A 277 8.35 8.49 0.60
CA LYS A 277 8.47 9.62 -0.32
C LYS A 277 9.86 9.68 -0.93
N GLY A 278 10.86 9.15 -0.24
CA GLY A 278 12.22 9.20 -0.73
C GLY A 278 12.49 8.34 -1.93
N MET A 279 11.58 7.43 -2.29
CA MET A 279 11.83 6.63 -3.48
C MET A 279 11.53 7.39 -4.76
N MET A 280 10.75 8.47 -4.71
CA MET A 280 10.33 9.08 -5.96
C MET A 280 11.47 9.79 -6.69
N PRO A 281 12.39 10.52 -6.04
CA PRO A 281 13.51 11.08 -6.83
C PRO A 281 14.33 10.01 -7.52
N GLY A 282 14.58 8.87 -6.88
CA GLY A 282 15.31 7.80 -7.54
C GLY A 282 14.55 7.19 -8.70
N ILE A 283 13.24 7.02 -8.55
CA ILE A 283 12.41 6.51 -9.65
C ILE A 283 12.44 7.49 -10.82
N GLN A 284 12.27 8.79 -10.55
CA GLN A 284 12.36 9.79 -11.62
C GLN A 284 13.70 9.72 -12.33
N ASP A 285 14.79 9.56 -11.58
CA ASP A 285 16.11 9.50 -12.18
CA ASP A 285 16.11 9.50 -12.18
C ASP A 285 16.26 8.28 -13.08
N THR A 286 15.73 7.14 -12.62
CA THR A 286 15.81 5.92 -13.41
C THR A 286 14.98 6.05 -14.69
N LEU A 287 13.77 6.57 -14.57
CA LEU A 287 12.91 6.69 -15.74
C LEU A 287 13.49 7.65 -16.75
N LYS A 288 14.13 8.73 -16.29
CA LYS A 288 14.78 9.65 -17.21
CA LYS A 288 14.78 9.65 -17.21
CA LYS A 288 14.79 9.65 -17.20
C LYS A 288 15.90 8.94 -17.97
N LYS A 289 16.70 8.14 -17.26
CA LYS A 289 17.81 7.44 -17.90
CA LYS A 289 17.81 7.43 -17.88
C LYS A 289 17.30 6.41 -18.89
N VAL A 290 16.23 5.69 -18.53
CA VAL A 290 15.65 4.72 -19.45
C VAL A 290 15.15 5.41 -20.72
N ALA A 291 14.40 6.48 -20.55
CA ALA A 291 13.92 7.24 -21.69
C ALA A 291 15.08 7.71 -22.56
N GLU A 292 16.13 8.26 -21.94
CA GLU A 292 17.25 8.75 -22.72
CA GLU A 292 17.26 8.75 -22.72
C GLU A 292 17.85 7.64 -23.58
N ARG A 293 17.97 6.44 -23.03
CA ARG A 293 18.57 5.35 -23.80
C ARG A 293 17.69 4.95 -24.98
N ARG A 294 16.38 5.11 -24.84
CA ARG A 294 15.42 4.87 -25.91
C ARG A 294 15.30 6.04 -26.87
N GLY A 295 15.95 7.17 -26.58
CA GLY A 295 15.81 8.34 -27.43
C GLY A 295 14.52 9.11 -27.22
N GLU A 296 13.90 8.99 -26.05
CA GLU A 296 12.66 9.67 -25.69
C GLU A 296 12.92 10.67 -24.57
N SER A 297 12.00 11.62 -24.44
CA SER A 297 12.02 12.60 -23.34
C SER A 297 11.09 12.10 -22.23
N TRP A 298 11.64 11.83 -21.04
CA TRP A 298 10.80 11.43 -19.93
C TRP A 298 9.90 12.58 -19.51
N ASP A 299 10.36 13.82 -19.61
CA ASP A 299 9.49 14.95 -19.22
C ASP A 299 8.22 14.94 -20.06
N GLN A 300 8.37 14.82 -21.38
CA GLN A 300 7.21 14.78 -22.26
C GLN A 300 6.33 13.57 -21.98
N LYS A 301 6.93 12.41 -21.69
CA LYS A 301 6.13 11.22 -21.40
C LYS A 301 5.35 11.36 -20.10
N LEU A 302 6.00 11.88 -19.05
CA LEU A 302 5.31 12.06 -17.78
C LEU A 302 4.18 13.07 -17.92
N ALA A 303 4.42 14.15 -18.68
CA ALA A 303 3.35 15.13 -18.89
C ALA A 303 2.15 14.47 -19.55
N GLN A 304 2.39 13.59 -20.52
CA GLN A 304 1.27 12.91 -21.17
C GLN A 304 0.58 11.92 -20.24
N LEU A 305 1.34 11.19 -19.43
CA LEU A 305 0.73 10.27 -18.47
C LEU A 305 -0.15 11.02 -17.49
N LYS A 306 0.30 12.18 -17.00
CA LYS A 306 -0.53 12.95 -16.09
C LYS A 306 -1.79 13.46 -16.79
N LYS A 307 -1.65 13.99 -18.00
CA LYS A 307 -2.80 14.46 -18.78
C LYS A 307 -3.82 13.35 -19.00
N ASN A 308 -3.35 12.12 -19.26
CA ASN A 308 -4.21 10.96 -19.51
C ASN A 308 -4.70 10.28 -18.24
N LYS A 309 -4.34 10.79 -17.07
CA LYS A 309 -4.76 10.23 -15.78
C LYS A 309 -4.31 8.78 -15.60
N GLN A 310 -3.07 8.52 -16.00
CA GLN A 310 -2.41 7.23 -15.83
C GLN A 310 -1.45 7.19 -14.64
N TRP A 311 -1.22 8.29 -13.94
CA TRP A 311 -0.11 8.41 -13.00
C TRP A 311 -0.65 8.70 -11.60
N HIS A 312 -0.42 7.78 -10.65
CA HIS A 312 -1.09 7.79 -9.34
C HIS A 312 -0.07 7.65 -8.22
N VAL A 313 0.15 8.72 -7.44
CA VAL A 313 1.20 8.74 -6.42
C VAL A 313 0.60 9.10 -5.07
N GLU A 314 0.92 8.30 -4.04
CA GLU A 314 0.63 8.65 -2.65
C GLU A 314 1.78 8.14 -1.80
N VAL A 315 2.66 9.06 -1.34
CA VAL A 315 3.86 8.69 -0.58
C VAL A 315 3.98 9.63 0.60
N ALA A 316 4.76 9.21 1.59
CA ALA A 316 4.93 10.03 2.80
C ALA A 316 6.23 9.73 3.49
#